data_6JF8
#
_entry.id   6JF8
#
_cell.length_a   71.158
_cell.length_b   40.034
_cell.length_c   111.051
_cell.angle_alpha   90.000
_cell.angle_beta   90.020
_cell.angle_gamma   90.000
#
_symmetry.space_group_name_H-M   'P 1 21 1'
#
loop_
_entity.id
_entity.type
_entity.pdbx_description
1 polymer 'Peptide deformylase'
2 non-polymer 'ZINC ION'
3 non-polymer L-[(N-HYDROXYAMINO)CARBONYL]PHENYLALANINE
4 water water
#
_entity_poly.entity_id   1
_entity_poly.type   'polypeptide(L)'
_entity_poly.pdbx_seq_one_letter_code
;SVVLPVAKRGEDILKLIAAPVSANELNSNWLYQLADAMHATMLERNGVGIAAPQVYISKRVIIVASRPNPRYPDAPEMNA
VVMVNPEILEFSSEMCLGEEGCLSVPDERGQVERAEMVKVKYLTLQGEMVETVFQGFPARIVQHEVDHLNGILFVERIS
;
_entity_poly.pdbx_strand_id   A,B,C,D
#
# COMPACT_ATOMS: atom_id res chain seq x y z
N SER A 1 -9.92 -23.17 -17.22
CA SER A 1 -11.07 -22.47 -17.91
C SER A 1 -11.87 -21.79 -16.82
N VAL A 2 -12.44 -20.62 -17.09
CA VAL A 2 -13.13 -19.83 -16.08
C VAL A 2 -14.66 -19.87 -16.30
N VAL A 3 -15.42 -19.96 -15.25
CA VAL A 3 -16.83 -19.77 -15.34
C VAL A 3 -17.22 -18.32 -15.00
N LEU A 4 -17.90 -17.62 -15.91
CA LEU A 4 -18.19 -16.20 -15.81
C LEU A 4 -19.56 -15.90 -15.23
N PRO A 5 -19.73 -14.70 -14.61
CA PRO A 5 -21.10 -14.36 -14.16
C PRO A 5 -22.02 -14.09 -15.36
N VAL A 6 -23.32 -14.43 -15.23
CA VAL A 6 -24.29 -14.26 -16.29
C VAL A 6 -25.29 -13.18 -15.96
N ALA A 7 -25.52 -12.27 -16.84
CA ALA A 7 -26.53 -11.26 -16.64
C ALA A 7 -27.95 -11.78 -16.70
N LYS A 8 -28.83 -11.20 -15.89
CA LYS A 8 -30.25 -11.56 -15.90
C LYS A 8 -31.20 -10.50 -16.48
N ARG A 9 -32.39 -10.92 -16.92
CA ARG A 9 -33.43 -9.98 -17.38
C ARG A 9 -33.61 -8.84 -16.43
N GLY A 10 -33.70 -7.64 -16.98
CA GLY A 10 -33.70 -6.43 -16.20
C GLY A 10 -32.43 -5.66 -16.38
N GLU A 11 -31.32 -6.37 -16.55
CA GLU A 11 -30.03 -5.75 -16.73
C GLU A 11 -29.90 -5.22 -18.13
N ASP A 12 -29.46 -3.98 -18.21
CA ASP A 12 -29.51 -3.27 -19.43
C ASP A 12 -28.49 -3.76 -20.47
N ILE A 13 -27.44 -4.38 -20.03
CA ILE A 13 -26.46 -4.98 -21.01
C ILE A 13 -27.14 -5.91 -22.02
N LEU A 14 -28.25 -6.57 -21.59
CA LEU A 14 -29.00 -7.49 -22.49
C LEU A 14 -29.92 -6.78 -23.49
N LYS A 15 -30.09 -5.44 -23.41
CA LYS A 15 -30.86 -4.66 -24.31
C LYS A 15 -30.12 -3.97 -25.38
N LEU A 16 -28.77 -4.09 -25.42
CA LEU A 16 -28.03 -3.35 -26.42
C LEU A 16 -27.92 -4.14 -27.74
N ILE A 17 -27.52 -3.46 -28.81
CA ILE A 17 -27.03 -4.19 -30.05
C ILE A 17 -25.52 -4.36 -29.85
N ALA A 18 -25.08 -5.60 -29.75
CA ALA A 18 -23.69 -5.90 -29.52
C ALA A 18 -22.87 -5.40 -30.72
N ALA A 19 -21.61 -5.00 -30.48
CA ALA A 19 -20.74 -4.52 -31.51
C ALA A 19 -20.05 -5.68 -32.30
N PRO A 20 -19.87 -5.53 -33.62
CA PRO A 20 -19.12 -6.58 -34.34
C PRO A 20 -17.71 -6.69 -33.90
N VAL A 21 -17.21 -7.92 -33.99
CA VAL A 21 -15.79 -8.19 -33.70
C VAL A 21 -15.00 -7.61 -34.86
N SER A 22 -13.90 -6.95 -34.56
CA SER A 22 -13.13 -6.21 -35.51
C SER A 22 -12.05 -7.12 -36.13
N ALA A 23 -11.58 -6.66 -37.23
CA ALA A 23 -10.62 -7.56 -37.96
C ALA A 23 -9.38 -7.90 -37.12
N ASN A 24 -8.86 -6.92 -36.37
CA ASN A 24 -7.63 -7.16 -35.60
C ASN A 24 -7.87 -8.16 -34.48
N GLU A 25 -9.14 -8.28 -34.01
CA GLU A 25 -9.48 -9.31 -33.04
C GLU A 25 -9.51 -10.74 -33.57
N LEU A 26 -9.71 -10.94 -34.86
CA LEU A 26 -9.81 -12.24 -35.42
C LEU A 26 -8.44 -12.94 -35.25
N ASN A 27 -8.50 -14.21 -34.88
CA ASN A 27 -7.35 -15.05 -34.68
C ASN A 27 -6.43 -14.54 -33.61
N SER A 28 -6.97 -13.85 -32.61
CA SER A 28 -6.27 -13.30 -31.44
C SER A 28 -6.42 -14.17 -30.24
N ASN A 29 -5.41 -14.16 -29.36
CA ASN A 29 -5.54 -14.89 -28.13
C ASN A 29 -6.73 -14.34 -27.32
N TRP A 30 -6.94 -13.03 -27.40
CA TRP A 30 -8.10 -12.39 -26.79
C TRP A 30 -9.41 -13.10 -27.18
N LEU A 31 -9.61 -13.27 -28.47
CA LEU A 31 -10.88 -13.85 -28.93
C LEU A 31 -10.99 -15.34 -28.56
N TYR A 32 -9.86 -16.08 -28.66
CA TYR A 32 -9.84 -17.46 -28.17
C TYR A 32 -10.16 -17.61 -26.70
N GLN A 33 -9.63 -16.71 -25.86
CA GLN A 33 -9.89 -16.79 -24.44
C GLN A 33 -11.37 -16.45 -24.17
N LEU A 34 -11.90 -15.46 -24.88
CA LEU A 34 -13.36 -15.11 -24.71
C LEU A 34 -14.25 -16.31 -25.01
N ALA A 35 -13.98 -17.00 -26.12
CA ALA A 35 -14.76 -18.09 -26.55
C ALA A 35 -14.63 -19.23 -25.52
N ASP A 36 -13.41 -19.48 -25.03
CA ASP A 36 -13.20 -20.54 -24.05
C ASP A 36 -13.96 -20.27 -22.76
N ALA A 37 -13.98 -19.03 -22.29
CA ALA A 37 -14.71 -18.70 -21.07
C ALA A 37 -16.21 -18.81 -21.31
N MET A 38 -16.65 -18.35 -22.48
CA MET A 38 -18.05 -18.54 -22.84
C MET A 38 -18.43 -20.00 -22.81
N HIS A 39 -17.62 -20.85 -23.44
CA HIS A 39 -17.94 -22.23 -23.59
C HIS A 39 -18.03 -22.89 -22.18
N ALA A 40 -17.06 -22.59 -21.30
CA ALA A 40 -17.06 -23.12 -19.94
C ALA A 40 -18.26 -22.71 -19.13
N THR A 41 -18.66 -21.47 -19.32
CA THR A 41 -19.80 -20.95 -18.64
C THR A 41 -21.09 -21.67 -19.05
N MET A 42 -21.23 -21.80 -20.35
CA MET A 42 -22.37 -22.46 -20.94
C MET A 42 -22.45 -23.90 -20.37
N LEU A 43 -21.35 -24.64 -20.36
CA LEU A 43 -21.38 -26.06 -19.95
C LEU A 43 -21.69 -26.12 -18.47
N GLU A 44 -21.11 -25.22 -17.70
CA GLU A 44 -21.36 -25.23 -16.25
C GLU A 44 -22.83 -24.91 -15.88
N ARG A 45 -23.51 -24.12 -16.68
CA ARG A 45 -24.89 -23.76 -16.47
C ARG A 45 -25.91 -24.67 -17.21
N ASN A 46 -25.44 -25.74 -17.78
CA ASN A 46 -26.27 -26.59 -18.65
C ASN A 46 -26.98 -25.83 -19.77
N GLY A 47 -26.30 -24.84 -20.38
CA GLY A 47 -26.95 -24.18 -21.53
C GLY A 47 -26.71 -24.99 -22.77
N VAL A 48 -27.51 -24.74 -23.77
CA VAL A 48 -27.27 -25.31 -25.11
C VAL A 48 -26.82 -24.24 -26.12
N GLY A 49 -26.66 -23.05 -25.62
CA GLY A 49 -26.16 -21.92 -26.43
C GLY A 49 -25.77 -20.84 -25.44
N ILE A 50 -24.96 -19.88 -25.90
CA ILE A 50 -24.63 -18.69 -25.08
C ILE A 50 -24.28 -17.57 -26.05
N ALA A 51 -24.51 -16.34 -25.62
CA ALA A 51 -24.16 -15.13 -26.40
C ALA A 51 -23.27 -14.27 -25.51
N ALA A 52 -22.28 -13.57 -26.10
CA ALA A 52 -21.31 -12.76 -25.30
C ALA A 52 -21.97 -11.68 -24.38
N PRO A 53 -23.08 -11.11 -24.82
CA PRO A 53 -23.72 -10.09 -23.95
C PRO A 53 -24.21 -10.71 -22.61
N GLN A 54 -24.51 -11.98 -22.60
CA GLN A 54 -24.93 -12.68 -21.36
C GLN A 54 -23.84 -12.75 -20.32
N VAL A 55 -22.59 -12.61 -20.73
CA VAL A 55 -21.43 -12.59 -19.85
C VAL A 55 -20.81 -11.16 -19.82
N TYR A 56 -21.60 -10.18 -20.18
CA TYR A 56 -21.32 -8.72 -20.04
C TYR A 56 -20.34 -8.23 -21.14
N ILE A 57 -20.21 -8.99 -22.24
CA ILE A 57 -19.23 -8.65 -23.32
C ILE A 57 -20.07 -8.29 -24.51
N SER A 58 -20.18 -6.97 -24.85
CA SER A 58 -21.13 -6.52 -25.84
C SER A 58 -20.53 -6.67 -27.25
N LYS A 59 -20.17 -7.94 -27.62
CA LYS A 59 -19.60 -8.25 -28.89
C LYS A 59 -20.37 -9.39 -29.54
N ARG A 60 -20.28 -9.45 -30.85
CA ARG A 60 -21.09 -10.41 -31.64
C ARG A 60 -20.44 -11.79 -31.76
N VAL A 61 -20.47 -12.54 -30.66
CA VAL A 61 -19.97 -13.91 -30.57
C VAL A 61 -21.07 -14.74 -29.91
N ILE A 62 -21.33 -15.90 -30.51
CA ILE A 62 -22.25 -16.88 -29.94
C ILE A 62 -21.71 -18.28 -30.06
N ILE A 63 -22.26 -19.15 -29.22
CA ILE A 63 -22.00 -20.59 -29.29
C ILE A 63 -23.31 -21.31 -29.39
N VAL A 64 -23.38 -22.25 -30.37
CA VAL A 64 -24.58 -23.04 -30.56
C VAL A 64 -24.15 -24.48 -30.26
N ALA A 65 -24.78 -25.13 -29.29
CA ALA A 65 -24.24 -26.36 -28.74
C ALA A 65 -25.33 -27.30 -28.17
N SER A 66 -26.26 -27.66 -29.04
CA SER A 66 -27.33 -28.56 -28.64
C SER A 66 -26.71 -29.92 -28.19
N ARG A 67 -27.20 -30.37 -27.01
CA ARG A 67 -26.84 -31.69 -26.44
C ARG A 67 -27.84 -31.96 -25.34
N PRO A 68 -28.22 -33.24 -25.11
CA PRO A 68 -29.12 -33.54 -24.01
C PRO A 68 -28.42 -33.25 -22.70
N ASN A 69 -29.14 -32.61 -21.80
CA ASN A 69 -28.59 -32.35 -20.47
C ASN A 69 -29.77 -32.21 -19.54
N PRO A 70 -29.53 -32.02 -18.22
CA PRO A 70 -30.68 -31.93 -17.27
C PRO A 70 -31.72 -30.87 -17.60
N ARG A 71 -31.30 -29.69 -18.11
CA ARG A 71 -32.26 -28.68 -18.58
C ARG A 71 -33.04 -29.01 -19.86
N TYR A 72 -32.42 -29.73 -20.81
CA TYR A 72 -33.07 -30.16 -22.11
C TYR A 72 -32.75 -31.64 -22.36
N PRO A 73 -33.46 -32.51 -21.62
CA PRO A 73 -33.07 -33.92 -21.61
C PRO A 73 -33.32 -34.65 -22.93
N ASP A 74 -34.12 -34.09 -23.83
CA ASP A 74 -34.32 -34.65 -25.15
C ASP A 74 -33.68 -33.90 -26.32
N ALA A 75 -32.77 -32.95 -26.08
CA ALA A 75 -32.16 -32.24 -27.19
C ALA A 75 -31.28 -33.14 -28.01
N PRO A 76 -31.29 -32.95 -29.33
CA PRO A 76 -30.33 -33.66 -30.15
C PRO A 76 -28.92 -33.19 -29.87
N GLU A 77 -27.94 -33.99 -30.21
CA GLU A 77 -26.54 -33.62 -30.02
C GLU A 77 -25.86 -33.24 -31.32
N MET A 78 -25.17 -32.10 -31.32
CA MET A 78 -24.40 -31.63 -32.45
C MET A 78 -22.98 -31.35 -31.96
N ASN A 79 -21.98 -31.17 -32.85
CA ASN A 79 -20.71 -30.60 -32.40
C ASN A 79 -20.93 -29.07 -32.16
N ALA A 80 -20.43 -28.58 -31.05
CA ALA A 80 -20.60 -27.16 -30.68
C ALA A 80 -19.95 -26.31 -31.80
N VAL A 81 -20.59 -25.19 -32.17
CA VAL A 81 -20.08 -24.29 -33.19
C VAL A 81 -19.94 -22.86 -32.51
N VAL A 82 -18.76 -22.27 -32.57
CA VAL A 82 -18.58 -20.88 -32.17
C VAL A 82 -18.70 -20.02 -33.41
N MET A 83 -19.53 -18.97 -33.36
CA MET A 83 -19.80 -18.14 -34.48
C MET A 83 -19.47 -16.68 -34.14
N VAL A 84 -18.59 -16.10 -34.92
CA VAL A 84 -18.23 -14.70 -34.85
C VAL A 84 -18.94 -13.90 -35.90
N ASN A 85 -19.57 -12.76 -35.50
CA ASN A 85 -20.31 -11.96 -36.44
C ASN A 85 -21.31 -12.76 -37.30
N PRO A 86 -22.18 -13.55 -36.64
CA PRO A 86 -23.16 -14.28 -37.35
C PRO A 86 -24.22 -13.42 -37.97
N GLU A 87 -24.64 -13.75 -39.19
CA GLU A 87 -25.72 -13.04 -39.90
C GLU A 87 -26.63 -14.10 -40.46
N ILE A 88 -27.92 -13.99 -40.15
CA ILE A 88 -28.88 -14.88 -40.66
C ILE A 88 -29.29 -14.36 -42.03
N LEU A 89 -28.99 -15.11 -43.08
CA LEU A 89 -29.28 -14.68 -44.44
C LEU A 89 -30.57 -15.16 -44.95
N GLU A 90 -31.14 -16.21 -44.34
CA GLU A 90 -32.48 -16.67 -44.76
C GLU A 90 -33.13 -17.33 -43.58
N PHE A 91 -34.41 -16.96 -43.37
CA PHE A 91 -35.31 -17.66 -42.45
C PHE A 91 -36.38 -18.35 -43.27
N SER A 92 -36.68 -19.59 -42.95
CA SER A 92 -37.78 -20.30 -43.69
C SER A 92 -39.16 -19.66 -43.31
N SER A 93 -40.13 -19.79 -44.23
CA SER A 93 -41.50 -19.31 -43.84
C SER A 93 -42.11 -20.35 -42.91
N GLU A 94 -41.75 -21.61 -43.05
CA GLU A 94 -42.19 -22.64 -42.09
C GLU A 94 -41.68 -22.35 -40.72
N MET A 95 -42.57 -22.50 -39.76
CA MET A 95 -42.44 -22.17 -38.34
C MET A 95 -42.40 -23.49 -37.57
N CYS A 96 -41.68 -23.53 -36.45
CA CYS A 96 -41.89 -24.59 -35.40
C CYS A 96 -42.08 -23.86 -34.07
N LEU A 97 -42.80 -24.50 -33.19
CA LEU A 97 -43.00 -23.96 -31.88
C LEU A 97 -42.38 -24.93 -30.90
N GLY A 98 -41.76 -24.36 -29.88
CA GLY A 98 -40.96 -25.11 -28.95
C GLY A 98 -40.84 -24.35 -27.65
N GLU A 99 -40.63 -25.07 -26.58
CA GLU A 99 -40.44 -24.43 -25.28
C GLU A 99 -38.95 -24.02 -25.19
N GLU A 100 -38.73 -22.76 -24.84
CA GLU A 100 -37.38 -22.21 -24.63
C GLU A 100 -37.29 -21.70 -23.21
N GLY A 101 -36.12 -21.92 -22.64
CA GLY A 101 -35.62 -21.21 -21.46
C GLY A 101 -34.44 -20.34 -21.88
N CYS A 102 -33.80 -19.79 -20.87
CA CYS A 102 -32.73 -18.80 -21.06
C CYS A 102 -31.93 -18.70 -19.78
N LEU A 103 -30.59 -18.75 -19.91
CA LEU A 103 -29.68 -18.54 -18.79
C LEU A 103 -29.92 -17.20 -18.10
N SER A 104 -30.47 -16.25 -18.83
CA SER A 104 -30.70 -14.94 -18.33
C SER A 104 -32.12 -14.76 -17.80
N VAL A 105 -32.99 -15.79 -17.89
CA VAL A 105 -34.38 -15.66 -17.38
C VAL A 105 -34.61 -16.77 -16.37
N PRO A 106 -34.39 -16.47 -15.08
CA PRO A 106 -34.59 -17.59 -14.15
C PRO A 106 -36.08 -17.93 -13.94
N ASP A 107 -36.38 -19.20 -13.71
CA ASP A 107 -37.75 -19.65 -13.33
C ASP A 107 -38.81 -19.28 -14.40
N GLU A 108 -38.45 -19.32 -15.68
CA GLU A 108 -39.47 -19.19 -16.72
C GLU A 108 -39.09 -19.79 -18.07
N ARG A 109 -40.04 -20.49 -18.66
CA ARG A 109 -39.89 -21.04 -20.00
C ARG A 109 -41.18 -20.63 -20.66
N GLY A 110 -41.14 -20.57 -21.98
CA GLY A 110 -42.31 -20.17 -22.73
C GLY A 110 -42.22 -20.75 -24.11
N GLN A 111 -43.36 -20.75 -24.76
CA GLN A 111 -43.50 -21.28 -26.09
C GLN A 111 -43.15 -20.22 -27.13
N VAL A 112 -42.18 -20.50 -28.01
CA VAL A 112 -41.76 -19.48 -28.92
C VAL A 112 -41.81 -20.03 -30.34
N GLU A 113 -42.40 -19.25 -31.22
CA GLU A 113 -42.44 -19.58 -32.63
C GLU A 113 -41.13 -19.10 -33.29
N ARG A 114 -40.47 -20.01 -33.99
CA ARG A 114 -39.13 -19.76 -34.64
C ARG A 114 -39.27 -20.30 -36.03
N ALA A 115 -38.46 -19.76 -36.95
CA ALA A 115 -38.32 -20.43 -38.24
C ALA A 115 -37.72 -21.84 -38.07
N GLU A 116 -38.26 -22.79 -38.78
CA GLU A 116 -37.80 -24.15 -38.75
C GLU A 116 -36.39 -24.31 -39.35
N MET A 117 -36.05 -23.48 -40.29
CA MET A 117 -34.69 -23.51 -40.91
C MET A 117 -34.12 -22.10 -41.02
N VAL A 118 -32.83 -21.94 -40.70
CA VAL A 118 -32.11 -20.74 -40.94
C VAL A 118 -30.76 -21.04 -41.66
N LYS A 119 -30.39 -20.14 -42.55
CA LYS A 119 -29.05 -20.15 -43.19
C LYS A 119 -28.27 -19.07 -42.56
N VAL A 120 -27.09 -19.38 -41.98
CA VAL A 120 -26.33 -18.40 -41.24
C VAL A 120 -24.91 -18.31 -41.78
N LYS A 121 -24.49 -17.08 -41.99
CA LYS A 121 -23.08 -16.87 -42.47
C LYS A 121 -22.30 -16.34 -41.27
N TYR A 122 -21.08 -16.83 -40.99
CA TYR A 122 -20.42 -16.34 -39.81
C TYR A 122 -18.93 -16.51 -40.02
N LEU A 123 -18.15 -15.96 -39.11
CA LEU A 123 -16.65 -16.20 -39.13
C LEU A 123 -16.26 -17.19 -38.08
N THR A 124 -15.26 -18.05 -38.37
CA THR A 124 -14.68 -18.82 -37.29
C THR A 124 -13.83 -17.90 -36.42
N LEU A 125 -13.29 -18.44 -35.36
CA LEU A 125 -12.41 -17.67 -34.46
C LEU A 125 -11.16 -17.24 -35.21
N GLN A 126 -10.71 -18.05 -36.17
CA GLN A 126 -9.54 -17.65 -36.99
C GLN A 126 -9.87 -16.55 -37.97
N GLY A 127 -11.17 -16.43 -38.30
CA GLY A 127 -11.65 -15.44 -39.20
C GLY A 127 -12.15 -15.95 -40.55
N GLU A 128 -12.28 -17.24 -40.74
CA GLU A 128 -12.67 -17.79 -42.04
C GLU A 128 -14.20 -17.68 -42.16
N MET A 129 -14.67 -17.39 -43.34
CA MET A 129 -16.16 -17.36 -43.59
C MET A 129 -16.75 -18.73 -43.80
N VAL A 130 -17.91 -18.98 -43.21
CA VAL A 130 -18.58 -20.22 -43.24
C VAL A 130 -20.08 -19.92 -43.36
N GLU A 131 -20.77 -20.70 -44.17
CA GLU A 131 -22.28 -20.58 -44.22
C GLU A 131 -22.84 -21.94 -43.91
N THR A 132 -23.80 -22.04 -42.97
CA THR A 132 -24.32 -23.29 -42.52
C THR A 132 -25.88 -23.22 -42.43
N VAL A 133 -26.55 -24.33 -42.77
CA VAL A 133 -28.01 -24.44 -42.68
C VAL A 133 -28.32 -25.13 -41.42
N PHE A 134 -29.19 -24.60 -40.59
CA PHE A 134 -29.63 -25.25 -39.38
C PHE A 134 -31.12 -25.52 -39.44
N GLN A 135 -31.54 -26.65 -38.86
CA GLN A 135 -32.97 -27.07 -38.80
C GLN A 135 -33.40 -27.34 -37.37
N GLY A 136 -34.69 -27.19 -37.06
CA GLY A 136 -35.19 -27.71 -35.82
C GLY A 136 -34.60 -27.06 -34.59
N PHE A 137 -34.25 -27.86 -33.58
CA PHE A 137 -33.90 -27.24 -32.29
C PHE A 137 -32.57 -26.44 -32.40
N PRO A 138 -31.56 -26.93 -33.16
CA PRO A 138 -30.39 -26.07 -33.38
C PRO A 138 -30.73 -24.71 -34.01
N ALA A 139 -31.66 -24.74 -34.99
CA ALA A 139 -32.12 -23.48 -35.62
C ALA A 139 -32.73 -22.56 -34.59
N ARG A 140 -33.50 -23.07 -33.61
CA ARG A 140 -34.11 -22.20 -32.60
C ARG A 140 -33.02 -21.58 -31.71
N ILE A 141 -31.96 -22.36 -31.45
CA ILE A 141 -30.84 -21.88 -30.63
C ILE A 141 -30.14 -20.73 -31.37
N VAL A 142 -29.83 -20.91 -32.62
CA VAL A 142 -29.19 -19.83 -33.42
C VAL A 142 -30.03 -18.56 -33.33
N GLN A 143 -31.34 -18.71 -33.53
CA GLN A 143 -32.23 -17.54 -33.49
C GLN A 143 -32.29 -16.81 -32.16
N HIS A 144 -32.29 -17.56 -31.09
CA HIS A 144 -32.28 -17.09 -29.71
C HIS A 144 -31.01 -16.33 -29.42
N GLU A 145 -29.88 -16.93 -29.82
CA GLU A 145 -28.56 -16.28 -29.59
C GLU A 145 -28.40 -14.99 -30.42
N VAL A 146 -28.80 -15.01 -31.68
CA VAL A 146 -28.76 -13.81 -32.55
C VAL A 146 -29.67 -12.74 -31.90
N ASP A 147 -30.84 -13.18 -31.38
CA ASP A 147 -31.68 -12.17 -30.61
C ASP A 147 -30.93 -11.56 -29.43
N HIS A 148 -30.15 -12.31 -28.67
CA HIS A 148 -29.28 -11.78 -27.61
C HIS A 148 -28.34 -10.72 -28.14
N LEU A 149 -27.79 -10.88 -29.35
CA LEU A 149 -26.89 -9.91 -29.92
C LEU A 149 -27.59 -8.61 -30.33
N ASN A 150 -28.91 -8.71 -30.50
CA ASN A 150 -29.72 -7.58 -30.93
C ASN A 150 -30.59 -6.98 -29.82
N GLY A 151 -30.37 -7.38 -28.61
CA GLY A 151 -31.00 -6.75 -27.43
C GLY A 151 -32.39 -7.32 -27.17
N ILE A 152 -32.64 -8.56 -27.60
CA ILE A 152 -34.03 -9.16 -27.51
C ILE A 152 -34.01 -10.41 -26.68
N LEU A 153 -34.96 -10.53 -25.73
CA LEU A 153 -35.08 -11.74 -24.93
C LEU A 153 -36.32 -12.50 -25.37
N PHE A 154 -36.33 -13.80 -25.08
CA PHE A 154 -37.32 -14.73 -25.72
C PHE A 154 -38.71 -14.36 -25.25
N VAL A 155 -38.78 -13.82 -24.02
CA VAL A 155 -40.09 -13.30 -23.48
C VAL A 155 -40.75 -12.27 -24.37
N GLU A 156 -39.97 -11.50 -25.13
CA GLU A 156 -40.48 -10.47 -26.05
C GLU A 156 -41.05 -11.07 -27.36
N ARG A 157 -40.79 -12.35 -27.61
CA ARG A 157 -41.27 -13.07 -28.77
C ARG A 157 -42.51 -13.91 -28.49
N ILE A 158 -43.06 -13.92 -27.26
CA ILE A 158 -44.22 -14.79 -26.93
C ILE A 158 -45.57 -14.17 -27.33
N SER A 159 -46.30 -14.89 -28.19
CA SER A 159 -47.76 -14.72 -28.50
C SER A 159 -48.19 -13.36 -29.11
N SER B 1 -0.85 -10.13 -29.70
CA SER B 1 -1.38 -8.81 -29.19
C SER B 1 -2.53 -8.26 -30.05
N VAL B 2 -3.38 -7.45 -29.41
CA VAL B 2 -4.64 -6.95 -30.02
C VAL B 2 -4.81 -5.52 -29.61
N VAL B 3 -5.48 -4.72 -30.43
CA VAL B 3 -5.93 -3.38 -30.13
C VAL B 3 -7.44 -3.45 -30.31
N LEU B 4 -8.21 -3.11 -29.26
CA LEU B 4 -9.65 -3.26 -29.28
C LEU B 4 -10.36 -2.00 -29.77
N PRO B 5 -11.49 -2.12 -30.47
CA PRO B 5 -12.32 -1.01 -30.87
C PRO B 5 -12.78 -0.28 -29.59
N VAL B 6 -12.85 1.02 -29.68
CA VAL B 6 -13.28 1.88 -28.55
C VAL B 6 -14.65 2.44 -28.87
N ALA B 7 -15.61 2.32 -27.94
CA ALA B 7 -16.88 2.83 -28.08
C ALA B 7 -16.84 4.38 -27.91
N LYS B 8 -17.70 5.04 -28.69
CA LYS B 8 -17.84 6.50 -28.64
C LYS B 8 -19.11 6.98 -28.09
N ARG B 9 -19.03 8.24 -27.59
CA ARG B 9 -20.19 8.90 -27.02
C ARG B 9 -21.38 8.76 -27.91
N GLY B 10 -22.54 8.40 -27.34
CA GLY B 10 -23.72 8.13 -28.13
C GLY B 10 -24.04 6.63 -28.05
N GLU B 11 -22.99 5.79 -27.92
CA GLU B 11 -23.21 4.36 -27.73
C GLU B 11 -23.66 4.06 -26.30
N ASP B 12 -24.73 3.26 -26.20
CA ASP B 12 -25.39 2.99 -24.92
C ASP B 12 -24.48 2.16 -23.97
N ILE B 13 -23.53 1.42 -24.49
CA ILE B 13 -22.60 0.64 -23.60
C ILE B 13 -21.88 1.58 -22.61
N LEU B 14 -21.58 2.82 -23.02
CA LEU B 14 -20.93 3.73 -22.10
C LEU B 14 -21.81 4.29 -21.02
N LYS B 15 -23.12 4.04 -21.08
CA LYS B 15 -24.10 4.55 -20.08
C LYS B 15 -24.52 3.55 -19.02
N LEU B 16 -24.04 2.31 -19.08
CA LEU B 16 -24.43 1.27 -18.17
C LEU B 16 -23.67 1.38 -16.90
N ILE B 17 -24.12 0.68 -15.88
CA ILE B 17 -23.28 0.48 -14.68
C ILE B 17 -22.55 -0.86 -14.86
N ALA B 18 -21.24 -0.83 -14.99
CA ALA B 18 -20.47 -2.06 -15.24
C ALA B 18 -20.57 -3.05 -14.11
N ALA B 19 -20.54 -4.33 -14.44
CA ALA B 19 -20.70 -5.41 -13.40
C ALA B 19 -19.41 -5.76 -12.74
N PRO B 20 -19.42 -6.07 -11.44
CA PRO B 20 -18.17 -6.39 -10.83
C PRO B 20 -17.57 -7.65 -11.38
N VAL B 21 -16.26 -7.72 -11.33
CA VAL B 21 -15.52 -8.93 -11.67
C VAL B 21 -15.80 -9.98 -10.58
N SER B 22 -15.94 -11.26 -11.01
CA SER B 22 -16.25 -12.35 -10.08
C SER B 22 -14.95 -12.93 -9.49
N ALA B 23 -15.07 -13.66 -8.35
CA ALA B 23 -13.96 -14.37 -7.79
C ALA B 23 -13.30 -15.39 -8.75
N ASN B 24 -14.13 -16.03 -9.57
CA ASN B 24 -13.67 -16.99 -10.60
C ASN B 24 -12.68 -16.40 -11.61
N GLU B 25 -12.89 -15.12 -11.93
CA GLU B 25 -12.05 -14.45 -12.90
C GLU B 25 -10.73 -14.00 -12.33
N LEU B 26 -10.62 -13.81 -11.04
CA LEU B 26 -9.30 -13.42 -10.46
C LEU B 26 -8.20 -14.47 -10.73
N ASN B 27 -7.02 -13.99 -11.06
CA ASN B 27 -5.84 -14.85 -11.38
C ASN B 27 -6.08 -15.85 -12.58
N SER B 28 -6.94 -15.49 -13.50
CA SER B 28 -7.22 -16.29 -14.67
C SER B 28 -6.59 -15.75 -15.96
N ASN B 29 -6.43 -16.63 -16.94
CA ASN B 29 -5.86 -16.23 -18.23
C ASN B 29 -6.80 -15.26 -18.92
N TRP B 30 -8.11 -15.49 -18.81
CA TRP B 30 -9.08 -14.66 -19.28
C TRP B 30 -8.84 -13.19 -18.77
N LEU B 31 -8.75 -13.03 -17.48
CA LEU B 31 -8.58 -11.69 -16.90
C LEU B 31 -7.25 -11.03 -17.27
N TYR B 32 -6.18 -11.79 -17.23
CA TYR B 32 -4.84 -11.28 -17.69
C TYR B 32 -4.89 -10.85 -19.14
N GLN B 33 -5.54 -11.62 -20.03
CA GLN B 33 -5.69 -11.19 -21.39
C GLN B 33 -6.58 -9.94 -21.62
N LEU B 34 -7.73 -9.85 -20.95
CA LEU B 34 -8.55 -8.63 -20.94
C LEU B 34 -7.67 -7.45 -20.58
N ALA B 35 -6.90 -7.59 -19.49
CA ALA B 35 -6.14 -6.45 -18.97
C ALA B 35 -5.02 -6.08 -19.98
N ASP B 36 -4.42 -7.12 -20.58
CA ASP B 36 -3.44 -6.87 -21.61
C ASP B 36 -3.98 -6.20 -22.86
N ALA B 37 -5.13 -6.61 -23.34
CA ALA B 37 -5.78 -5.96 -24.46
C ALA B 37 -6.18 -4.52 -24.15
N MET B 38 -6.72 -4.28 -22.95
CA MET B 38 -6.99 -2.93 -22.54
C MET B 38 -5.71 -2.05 -22.57
N HIS B 39 -4.67 -2.59 -22.00
CA HIS B 39 -3.38 -1.87 -21.84
C HIS B 39 -2.83 -1.51 -23.23
N ALA B 40 -2.83 -2.50 -24.12
CA ALA B 40 -2.39 -2.26 -25.51
C ALA B 40 -3.20 -1.24 -26.24
N THR B 41 -4.53 -1.22 -26.02
CA THR B 41 -5.42 -0.34 -26.64
C THR B 41 -5.21 1.10 -26.14
N MET B 42 -5.08 1.23 -24.82
CA MET B 42 -4.74 2.52 -24.21
C MET B 42 -3.43 3.11 -24.80
N LEU B 43 -2.42 2.27 -24.87
CA LEU B 43 -1.07 2.69 -25.43
C LEU B 43 -1.12 3.13 -26.89
N GLU B 44 -1.84 2.35 -27.69
CA GLU B 44 -1.97 2.67 -29.10
C GLU B 44 -2.74 3.94 -29.31
N ARG B 45 -3.70 4.32 -28.42
CA ARG B 45 -4.44 5.54 -28.63
C ARG B 45 -3.90 6.72 -27.78
N ASN B 46 -2.71 6.59 -27.18
CA ASN B 46 -2.09 7.57 -26.27
C ASN B 46 -3.00 7.98 -25.11
N GLY B 47 -3.75 7.02 -24.59
CA GLY B 47 -4.48 7.27 -23.39
C GLY B 47 -3.57 7.26 -22.17
N VAL B 48 -4.01 7.94 -21.10
CA VAL B 48 -3.35 7.77 -19.79
C VAL B 48 -4.18 6.95 -18.78
N GLY B 49 -5.29 6.39 -19.27
CA GLY B 49 -6.11 5.50 -18.51
C GLY B 49 -7.08 4.83 -19.48
N ILE B 50 -7.82 3.81 -19.02
CA ILE B 50 -8.89 3.25 -19.85
C ILE B 50 -9.78 2.51 -18.91
N ALA B 51 -11.02 2.38 -19.30
CA ALA B 51 -12.00 1.56 -18.53
C ALA B 51 -12.61 0.48 -19.42
N ALA B 52 -12.89 -0.68 -18.87
CA ALA B 52 -13.38 -1.75 -19.72
C ALA B 52 -14.60 -1.43 -20.56
N PRO B 53 -15.58 -0.64 -20.05
CA PRO B 53 -16.76 -0.33 -20.89
C PRO B 53 -16.42 0.40 -22.21
N GLN B 54 -15.29 1.11 -22.23
CA GLN B 54 -14.86 1.75 -23.42
C GLN B 54 -14.50 0.77 -24.52
N VAL B 55 -14.14 -0.43 -24.13
CA VAL B 55 -13.83 -1.47 -25.15
C VAL B 55 -14.94 -2.57 -25.26
N TYR B 56 -16.15 -2.15 -24.90
CA TYR B 56 -17.38 -2.94 -24.96
C TYR B 56 -17.42 -4.09 -23.96
N ILE B 57 -16.69 -3.95 -22.86
CA ILE B 57 -16.61 -4.97 -21.85
C ILE B 57 -17.24 -4.34 -20.59
N SER B 58 -18.45 -4.74 -20.24
CA SER B 58 -19.20 -4.02 -19.16
C SER B 58 -18.82 -4.63 -17.78
N LYS B 59 -17.53 -4.51 -17.46
CA LYS B 59 -16.95 -5.07 -16.24
C LYS B 59 -16.15 -4.03 -15.52
N ARG B 60 -16.00 -4.15 -14.19
CA ARG B 60 -15.32 -3.12 -13.42
C ARG B 60 -13.85 -3.31 -13.34
N VAL B 61 -13.17 -2.94 -14.43
CA VAL B 61 -11.74 -3.00 -14.53
C VAL B 61 -11.29 -1.68 -15.16
N ILE B 62 -10.32 -1.05 -14.54
CA ILE B 62 -9.70 0.17 -15.10
C ILE B 62 -8.17 0.07 -15.08
N ILE B 63 -7.52 0.90 -15.89
CA ILE B 63 -6.08 1.09 -15.82
C ILE B 63 -5.82 2.57 -15.63
N VAL B 64 -4.86 2.89 -14.76
CA VAL B 64 -4.43 4.26 -14.48
C VAL B 64 -2.92 4.27 -14.76
N ALA B 65 -2.55 5.12 -15.71
CA ALA B 65 -1.25 5.03 -16.38
C ALA B 65 -0.74 6.36 -16.92
N SER B 66 -0.68 7.34 -16.03
CA SER B 66 -0.06 8.58 -16.37
C SER B 66 1.40 8.41 -16.90
N ARG B 67 1.63 9.09 -18.00
CA ARG B 67 2.94 9.15 -18.67
C ARG B 67 2.93 10.28 -19.67
N PRO B 68 4.06 10.99 -19.81
CA PRO B 68 4.08 12.01 -20.88
C PRO B 68 3.93 11.34 -22.23
N ASN B 69 2.99 11.86 -23.03
CA ASN B 69 2.79 11.38 -24.41
C ASN B 69 2.20 12.53 -25.27
N PRO B 70 2.06 12.32 -26.62
CA PRO B 70 1.57 13.40 -27.48
C PRO B 70 0.27 14.06 -27.10
N ARG B 71 -0.67 13.31 -26.53
CA ARG B 71 -1.95 13.87 -26.05
C ARG B 71 -1.87 14.62 -24.69
N TYR B 72 -0.96 14.20 -23.80
CA TYR B 72 -0.66 14.80 -22.48
C TYR B 72 0.87 14.97 -22.32
N PRO B 73 1.41 15.99 -23.03
CA PRO B 73 2.87 16.17 -23.03
C PRO B 73 3.53 16.43 -21.62
N ASP B 74 2.79 17.00 -20.68
CA ASP B 74 3.29 17.39 -19.35
C ASP B 74 2.92 16.39 -18.24
N ALA B 75 2.23 15.30 -18.59
CA ALA B 75 1.72 14.40 -17.57
C ALA B 75 2.86 13.75 -16.79
N PRO B 76 2.71 13.62 -15.47
CA PRO B 76 3.71 12.92 -14.68
C PRO B 76 3.89 11.41 -14.92
N GLU B 77 5.05 10.88 -14.63
CA GLU B 77 5.33 9.44 -14.75
C GLU B 77 4.78 8.67 -13.57
N MET B 78 4.21 7.49 -13.84
CA MET B 78 3.88 6.56 -12.78
C MET B 78 3.97 5.17 -13.42
N ASN B 79 4.10 4.16 -12.59
CA ASN B 79 3.91 2.77 -13.05
C ASN B 79 2.39 2.59 -13.20
N ALA B 80 2.02 1.99 -14.31
CA ALA B 80 0.60 1.73 -14.63
C ALA B 80 0.07 0.80 -13.62
N VAL B 81 -1.18 1.00 -13.21
CA VAL B 81 -1.81 0.16 -12.23
C VAL B 81 -3.13 -0.32 -12.87
N VAL B 82 -3.36 -1.63 -12.88
CA VAL B 82 -4.66 -2.24 -13.21
C VAL B 82 -5.47 -2.47 -11.93
N MET B 83 -6.66 -1.93 -11.90
CA MET B 83 -7.54 -2.01 -10.75
C MET B 83 -8.77 -2.81 -11.10
N VAL B 84 -9.03 -3.88 -10.36
CA VAL B 84 -10.26 -4.65 -10.49
C VAL B 84 -11.22 -4.24 -9.34
N ASN B 85 -12.48 -4.03 -9.66
CA ASN B 85 -13.55 -3.63 -8.71
C ASN B 85 -13.12 -2.44 -7.85
N PRO B 86 -12.61 -1.36 -8.49
CA PRO B 86 -12.19 -0.21 -7.69
C PRO B 86 -13.33 0.50 -7.02
N GLU B 87 -13.13 0.98 -5.79
CA GLU B 87 -14.18 1.82 -5.09
C GLU B 87 -13.48 3.02 -4.45
N ILE B 88 -13.98 4.22 -4.69
CA ILE B 88 -13.33 5.43 -4.09
C ILE B 88 -13.97 5.53 -2.68
N LEU B 89 -13.12 5.42 -1.72
CA LEU B 89 -13.52 5.41 -0.32
C LEU B 89 -13.62 6.82 0.24
N GLU B 90 -12.78 7.70 -0.24
CA GLU B 90 -12.76 9.09 0.22
C GLU B 90 -12.37 10.01 -0.94
N PHE B 91 -13.12 11.10 -1.08
CA PHE B 91 -12.75 12.22 -1.91
C PHE B 91 -12.40 13.41 -0.98
N SER B 92 -11.30 14.08 -1.24
CA SER B 92 -10.88 15.35 -0.51
C SER B 92 -11.97 16.39 -0.74
N SER B 93 -12.31 17.20 0.29
CA SER B 93 -13.21 18.33 -0.02
C SER B 93 -12.51 19.36 -0.92
N GLU B 94 -11.18 19.43 -0.86
CA GLU B 94 -10.39 20.30 -1.73
C GLU B 94 -10.40 19.79 -3.17
N MET B 95 -10.65 20.71 -4.08
CA MET B 95 -10.90 20.41 -5.50
C MET B 95 -9.80 20.99 -6.35
N CYS B 96 -9.61 20.45 -7.54
CA CYS B 96 -8.68 21.01 -8.51
C CYS B 96 -9.41 21.03 -9.87
N LEU B 97 -9.02 21.91 -10.77
CA LEU B 97 -9.62 21.99 -12.12
C LEU B 97 -8.53 21.50 -13.06
N GLY B 98 -8.87 20.63 -14.00
CA GLY B 98 -7.86 20.23 -14.98
C GLY B 98 -8.53 19.86 -16.28
N GLU B 99 -7.73 19.87 -17.32
CA GLU B 99 -8.24 19.60 -18.65
C GLU B 99 -8.23 18.08 -18.81
N GLU B 100 -9.37 17.57 -19.25
CA GLU B 100 -9.48 16.17 -19.57
C GLU B 100 -9.89 15.97 -21.01
N GLY B 101 -9.49 14.86 -21.57
CA GLY B 101 -10.17 14.37 -22.76
C GLY B 101 -10.60 12.93 -22.52
N CYS B 102 -10.97 12.21 -23.57
CA CYS B 102 -11.53 10.90 -23.37
C CYS B 102 -11.36 10.18 -24.70
N LEU B 103 -10.87 8.96 -24.64
CA LEU B 103 -10.85 8.13 -25.88
C LEU B 103 -12.21 7.90 -26.51
N SER B 104 -13.28 8.01 -25.71
CA SER B 104 -14.63 7.85 -26.16
C SER B 104 -15.32 9.14 -26.60
N VAL B 105 -14.62 10.27 -26.49
CA VAL B 105 -15.20 11.59 -26.91
C VAL B 105 -14.13 12.25 -27.76
N PRO B 106 -13.94 11.76 -28.96
CA PRO B 106 -12.80 12.32 -29.70
C PRO B 106 -13.17 13.76 -30.19
N GLU B 108 -12.69 16.22 -28.48
CA GLU B 108 -13.34 17.21 -27.60
C GLU B 108 -12.78 17.10 -26.18
N ARG B 109 -12.29 18.22 -25.60
CA ARG B 109 -11.67 18.26 -24.29
C ARG B 109 -12.39 19.30 -23.47
N GLY B 110 -12.19 19.26 -22.20
CA GLY B 110 -12.88 20.22 -21.33
C GLY B 110 -12.19 20.37 -20.00
N GLN B 111 -12.63 21.37 -19.24
CA GLN B 111 -12.04 21.63 -17.99
C GLN B 111 -13.01 21.14 -16.91
N VAL B 112 -12.54 20.21 -16.10
CA VAL B 112 -13.40 19.47 -15.15
C VAL B 112 -12.92 19.67 -13.70
N GLU B 113 -13.84 19.86 -12.79
CA GLU B 113 -13.49 19.93 -11.37
C GLU B 113 -13.47 18.51 -10.75
N ARG B 114 -12.35 18.17 -10.13
CA ARG B 114 -12.24 16.86 -9.46
C ARG B 114 -11.75 17.07 -8.03
N ALA B 115 -11.86 16.02 -7.22
CA ALA B 115 -11.18 16.03 -5.93
C ALA B 115 -9.72 16.00 -6.16
N GLU B 116 -8.95 16.75 -5.34
CA GLU B 116 -7.49 16.73 -5.41
C GLU B 116 -6.84 15.42 -5.01
N MET B 117 -7.46 14.76 -4.05
CA MET B 117 -7.00 13.49 -3.50
C MET B 117 -8.13 12.52 -3.41
N VAL B 118 -7.84 11.26 -3.76
CA VAL B 118 -8.77 10.16 -3.50
C VAL B 118 -8.04 9.00 -2.89
N LYS B 119 -8.73 8.29 -2.05
CA LYS B 119 -8.33 7.00 -1.46
C LYS B 119 -9.23 5.93 -2.12
N VAL B 120 -8.58 4.92 -2.69
CA VAL B 120 -9.27 3.94 -3.50
C VAL B 120 -8.91 2.55 -3.03
N LYS B 121 -9.92 1.71 -2.97
CA LYS B 121 -9.72 0.29 -2.68
C LYS B 121 -9.91 -0.48 -4.02
N TYR B 122 -9.14 -1.53 -4.23
CA TYR B 122 -9.35 -2.33 -5.43
C TYR B 122 -8.64 -3.66 -5.24
N LEU B 123 -8.91 -4.59 -6.15
CA LEU B 123 -8.22 -5.89 -6.18
C LEU B 123 -7.19 -5.87 -7.31
N THR B 124 -6.05 -6.50 -7.14
CA THR B 124 -5.08 -6.66 -8.22
C THR B 124 -5.61 -7.78 -9.15
N LEU B 125 -4.97 -7.97 -10.28
CA LEU B 125 -5.36 -9.06 -11.18
C LEU B 125 -5.20 -10.43 -10.55
N GLN B 126 -4.35 -10.51 -9.54
CA GLN B 126 -4.05 -11.75 -8.80
C GLN B 126 -5.06 -11.92 -7.69
N GLY B 127 -5.86 -10.90 -7.36
CA GLY B 127 -6.86 -11.02 -6.30
C GLY B 127 -6.51 -10.40 -4.95
N GLU B 128 -5.40 -9.71 -4.88
CA GLU B 128 -4.97 -9.08 -3.59
C GLU B 128 -5.69 -7.77 -3.40
N MET B 129 -6.26 -7.56 -2.22
CA MET B 129 -6.98 -6.32 -1.86
C MET B 129 -6.00 -5.22 -1.49
N VAL B 130 -6.15 -4.03 -2.08
CA VAL B 130 -5.22 -2.93 -2.03
C VAL B 130 -6.05 -1.73 -1.59
N GLU B 131 -5.44 -0.87 -0.78
CA GLU B 131 -5.95 0.44 -0.51
C GLU B 131 -4.85 1.46 -0.67
N THR B 132 -5.15 2.53 -1.37
CA THR B 132 -4.07 3.47 -1.74
C THR B 132 -4.58 4.83 -2.09
N VAL B 133 -3.73 5.81 -1.92
CA VAL B 133 -4.07 7.22 -2.10
C VAL B 133 -3.42 7.78 -3.38
N PHE B 134 -4.22 8.55 -4.14
CA PHE B 134 -3.71 9.29 -5.29
C PHE B 134 -4.02 10.75 -5.08
N GLN B 135 -3.15 11.56 -5.70
CA GLN B 135 -3.23 13.04 -5.70
C GLN B 135 -3.18 13.55 -7.13
N GLY B 136 -3.74 14.73 -7.36
CA GLY B 136 -3.37 15.45 -8.57
C GLY B 136 -3.85 14.72 -9.84
N PHE B 137 -2.99 14.71 -10.85
CA PHE B 137 -3.39 14.18 -12.20
C PHE B 137 -3.76 12.68 -12.10
N PRO B 138 -2.96 11.85 -11.43
CA PRO B 138 -3.41 10.46 -11.26
C PRO B 138 -4.75 10.35 -10.55
N ALA B 139 -5.01 11.19 -9.53
CA ALA B 139 -6.34 11.19 -8.92
C ALA B 139 -7.50 11.53 -9.88
N ARG B 140 -7.28 12.50 -10.76
CA ARG B 140 -8.23 12.78 -11.80
C ARG B 140 -8.54 11.61 -12.71
N ILE B 141 -7.50 10.92 -13.08
CA ILE B 141 -7.68 9.73 -14.00
C ILE B 141 -8.52 8.64 -13.25
N VAL B 142 -8.20 8.38 -12.00
CA VAL B 142 -8.98 7.43 -11.21
C VAL B 142 -10.42 7.85 -11.23
N GLN B 143 -10.71 9.15 -10.98
CA GLN B 143 -12.10 9.60 -10.93
C GLN B 143 -12.83 9.50 -12.26
N HIS B 144 -12.12 9.81 -13.35
CA HIS B 144 -12.67 9.67 -14.70
C HIS B 144 -12.99 8.23 -15.06
N GLU B 145 -12.06 7.34 -14.73
CA GLU B 145 -12.26 5.93 -15.06
C GLU B 145 -13.35 5.30 -14.22
N VAL B 146 -13.41 5.60 -12.90
CA VAL B 146 -14.56 5.10 -12.14
C VAL B 146 -15.83 5.63 -12.69
N ASP B 147 -15.89 6.95 -13.05
CA ASP B 147 -17.06 7.45 -13.69
C ASP B 147 -17.54 6.61 -14.90
N HIS B 148 -16.57 6.14 -15.72
CA HIS B 148 -16.89 5.27 -16.87
C HIS B 148 -17.61 3.99 -16.44
N LEU B 149 -17.20 3.45 -15.30
CA LEU B 149 -17.84 2.25 -14.72
C LEU B 149 -19.24 2.49 -14.27
N ASN B 150 -19.56 3.74 -13.99
CA ASN B 150 -20.87 4.15 -13.53
C ASN B 150 -21.67 4.89 -14.58
N GLY B 151 -21.33 4.77 -15.85
CA GLY B 151 -22.06 5.30 -16.97
C GLY B 151 -22.01 6.80 -17.15
N ILE B 152 -20.94 7.42 -16.68
CA ILE B 152 -20.78 8.92 -16.64
C ILE B 152 -19.58 9.27 -17.55
N LEU B 153 -19.83 10.14 -18.53
CA LEU B 153 -18.77 10.77 -19.28
C LEU B 153 -18.36 12.14 -18.72
N PHE B 154 -17.12 12.58 -18.97
CA PHE B 154 -16.64 13.82 -18.33
C PHE B 154 -17.45 15.03 -18.74
N VAL B 155 -18.05 15.00 -19.93
CA VAL B 155 -18.93 16.13 -20.34
C VAL B 155 -20.13 16.35 -19.45
N GLU B 156 -20.57 15.31 -18.75
CA GLU B 156 -21.70 15.47 -17.86
C GLU B 156 -21.27 16.11 -16.51
N ARG B 157 -19.96 16.20 -16.22
CA ARG B 157 -19.46 16.86 -15.05
C ARG B 157 -19.09 18.32 -15.33
N ILE B 158 -19.47 18.83 -16.50
CA ILE B 158 -19.17 20.22 -16.90
C ILE B 158 -20.47 20.99 -16.89
N SER B 159 -20.56 21.92 -15.91
CA SER B 159 -21.72 22.85 -15.64
C SER B 159 -22.90 22.22 -14.82
N SER C 1 8.44 21.65 15.27
CA SER C 1 8.87 20.20 15.15
C SER C 1 10.37 20.21 14.93
N VAL C 2 11.10 19.24 15.48
CA VAL C 2 12.56 19.26 15.41
C VAL C 2 13.03 18.24 14.36
N VAL C 3 14.02 18.59 13.57
CA VAL C 3 14.69 17.61 12.78
C VAL C 3 15.94 17.09 13.52
N LEU C 4 16.04 15.77 13.73
CA LEU C 4 17.09 15.12 14.50
C LEU C 4 18.26 14.59 13.66
N PRO C 5 19.49 14.50 14.25
CA PRO C 5 20.60 13.85 13.55
C PRO C 5 20.38 12.36 13.37
N VAL C 6 20.82 11.84 12.24
CA VAL C 6 20.61 10.45 11.86
C VAL C 6 21.90 9.71 11.88
N ALA C 7 21.97 8.59 12.54
CA ALA C 7 23.15 7.77 12.54
C ALA C 7 23.42 7.08 11.23
N LYS C 8 24.70 6.96 10.85
CA LYS C 8 25.11 6.21 9.66
C LYS C 8 25.78 4.87 9.90
N ARG C 9 25.73 4.01 8.90
CA ARG C 9 26.41 2.72 8.95
C ARG C 9 27.81 2.85 9.49
N GLY C 10 28.20 1.93 10.35
CA GLY C 10 29.44 2.01 11.09
C GLY C 10 29.22 2.37 12.55
N GLU C 11 28.20 3.18 12.81
CA GLU C 11 27.90 3.58 14.16
C GLU C 11 27.21 2.46 14.87
N ASP C 12 27.69 2.15 16.06
CA ASP C 12 27.28 0.95 16.72
C ASP C 12 25.82 1.00 17.24
N ILE C 13 25.32 2.19 17.46
CA ILE C 13 23.86 2.29 17.85
C ILE C 13 22.95 1.51 16.93
N LEU C 14 23.33 1.42 15.64
CA LEU C 14 22.50 0.71 14.62
C LEU C 14 22.61 -0.85 14.69
N LYS C 15 23.53 -1.36 15.52
CA LYS C 15 23.75 -2.74 15.71
C LYS C 15 23.10 -3.33 16.89
N LEU C 16 22.42 -2.51 17.73
CA LEU C 16 21.82 -3.07 18.94
C LEU C 16 20.43 -3.64 18.70
N ILE C 17 19.95 -4.44 19.65
CA ILE C 17 18.48 -4.77 19.70
C ILE C 17 17.83 -3.67 20.55
N ALA C 18 16.95 -2.89 19.94
CA ALA C 18 16.32 -1.78 20.62
C ALA C 18 15.43 -2.33 21.75
N ALA C 19 15.26 -1.56 22.85
CA ALA C 19 14.47 -1.99 23.98
C ALA C 19 12.97 -1.71 23.73
N PRO C 20 12.07 -2.58 24.16
CA PRO C 20 10.65 -2.27 24.05
C PRO C 20 10.27 -1.05 24.86
N VAL C 21 9.23 -0.39 24.37
CA VAL C 21 8.62 0.76 25.08
C VAL C 21 7.81 0.18 26.23
N SER C 22 7.97 0.77 27.41
CA SER C 22 7.42 0.28 28.63
C SER C 22 5.99 0.81 28.80
N ALA C 23 5.29 0.14 29.68
CA ALA C 23 3.87 0.51 29.80
C ALA C 23 3.69 1.97 30.26
N ASN C 24 4.52 2.44 31.19
CA ASN C 24 4.38 3.81 31.69
C ASN C 24 4.65 4.83 30.62
N GLU C 25 5.43 4.47 29.57
CA GLU C 25 5.66 5.36 28.43
C GLU C 25 4.48 5.51 27.49
N LEU C 26 3.58 4.55 27.46
CA LEU C 26 2.45 4.58 26.57
C LEU C 26 1.58 5.76 26.94
N ASN C 27 1.10 6.45 25.90
CA ASN C 27 0.22 7.59 26.08
C ASN C 27 0.84 8.72 26.85
N SER C 28 2.16 8.84 26.79
CA SER C 28 2.91 9.90 27.45
C SER C 28 3.32 11.00 26.53
N ASN C 29 3.46 12.22 27.07
CA ASN C 29 3.93 13.30 26.24
C ASN C 29 5.34 12.98 25.69
N TRP C 30 6.12 12.29 26.47
CA TRP C 30 7.44 11.81 26.04
C TRP C 30 7.34 11.06 24.72
N LEU C 31 6.45 10.07 24.70
CA LEU C 31 6.36 9.19 23.51
C LEU C 31 5.78 9.96 22.31
N TYR C 32 4.78 10.85 22.53
CA TYR C 32 4.28 11.69 21.47
C TYR C 32 5.33 12.62 20.87
N GLN C 33 6.21 13.22 21.71
CA GLN C 33 7.26 14.11 21.25
C GLN C 33 8.30 13.29 20.43
N LEU C 34 8.60 12.11 20.92
CA LEU C 34 9.59 11.24 20.18
C LEU C 34 9.06 10.94 18.78
N ALA C 35 7.79 10.56 18.67
CA ALA C 35 7.21 10.19 17.42
C ALA C 35 7.17 11.43 16.53
N ASP C 36 6.82 12.58 17.07
CA ASP C 36 6.76 13.80 16.24
C ASP C 36 8.12 14.18 15.70
N ALA C 37 9.15 14.04 16.51
CA ALA C 37 10.52 14.36 16.02
C ALA C 37 11.00 13.35 14.98
N MET C 38 10.69 12.07 15.23
CA MET C 38 10.90 11.07 14.21
C MET C 38 10.24 11.42 12.88
N HIS C 39 8.95 11.76 12.96
CA HIS C 39 8.15 12.00 11.78
C HIS C 39 8.77 13.22 10.98
N ALA C 40 9.11 14.30 11.69
CA ALA C 40 9.72 15.49 11.05
C ALA C 40 11.01 15.19 10.39
N THR C 41 11.81 14.36 11.05
CA THR C 41 13.07 13.95 10.55
C THR C 41 12.95 13.15 9.23
N MET C 42 12.09 12.17 9.27
CA MET C 42 11.80 11.37 8.11
C MET C 42 11.34 12.27 6.94
N LEU C 43 10.43 13.20 7.17
CA LEU C 43 9.91 14.02 6.06
C LEU C 43 11.02 14.90 5.53
N GLU C 44 11.84 15.44 6.44
CA GLU C 44 12.92 16.34 6.00
C GLU C 44 13.96 15.61 5.15
N ARG C 45 14.15 14.34 5.37
CA ARG C 45 15.13 13.57 4.68
C ARG C 45 14.56 12.79 3.49
N ASN C 46 13.31 13.03 3.18
CA ASN C 46 12.56 12.25 2.14
C ASN C 46 12.61 10.76 2.41
N GLY C 47 12.49 10.37 3.70
CA GLY C 47 12.37 8.94 3.98
C GLY C 47 10.96 8.47 3.78
N VAL C 48 10.78 7.19 3.54
CA VAL C 48 9.44 6.54 3.55
C VAL C 48 9.21 5.67 4.78
N GLY C 49 10.16 5.71 5.68
CA GLY C 49 10.04 5.03 6.95
C GLY C 49 11.15 5.55 7.81
N ILE C 50 11.07 5.33 9.14
CA ILE C 50 12.20 5.65 10.05
C ILE C 50 12.06 4.74 11.27
N ALA C 51 13.16 4.49 11.92
CA ALA C 51 13.22 3.69 13.15
C ALA C 51 13.94 4.48 14.21
N ALA C 52 13.49 4.39 15.47
CA ALA C 52 14.07 5.21 16.57
C ALA C 52 15.65 5.11 16.71
N PRO C 53 16.19 3.91 16.47
CA PRO C 53 17.62 3.78 16.58
C PRO C 53 18.38 4.66 15.60
N GLN C 54 17.78 4.96 14.48
CA GLN C 54 18.39 5.86 13.49
C GLN C 54 18.57 7.26 13.98
N VAL C 55 17.79 7.66 14.98
CA VAL C 55 17.90 8.94 15.63
C VAL C 55 18.49 8.82 17.05
N TYR C 56 19.22 7.75 17.28
CA TYR C 56 20.01 7.44 18.53
C TYR C 56 19.14 7.07 19.72
N ILE C 57 17.87 6.65 19.46
CA ILE C 57 16.95 6.32 20.57
C ILE C 57 16.71 4.83 20.47
N SER C 58 17.29 4.03 21.37
CA SER C 58 17.31 2.58 21.21
C SER C 58 16.02 2.00 21.82
N LYS C 59 14.87 2.40 21.20
CA LYS C 59 13.58 1.98 21.61
C LYS C 59 12.78 1.50 20.40
N ARG C 60 11.80 0.62 20.66
CA ARG C 60 11.09 -0.08 19.55
C ARG C 60 9.87 0.76 19.05
N VAL C 61 10.16 1.80 18.30
CA VAL C 61 9.24 2.70 17.62
C VAL C 61 9.67 2.84 16.18
N ILE C 62 8.73 2.65 15.26
CA ILE C 62 8.94 2.88 13.84
C ILE C 62 7.79 3.67 13.23
N ILE C 63 8.08 4.28 12.08
CA ILE C 63 7.09 4.92 11.22
C ILE C 63 7.17 4.32 9.84
N VAL C 64 6.01 3.93 9.31
CA VAL C 64 5.92 3.42 7.96
C VAL C 64 5.09 4.44 7.17
N ALA C 65 5.66 4.97 6.10
CA ALA C 65 5.09 6.19 5.46
C ALA C 65 5.36 6.29 3.98
N SER C 66 4.97 5.23 3.29
CA SER C 66 5.16 5.20 1.83
C SER C 66 4.44 6.41 1.18
N ARG C 67 5.18 7.14 0.34
CA ARG C 67 4.60 8.24 -0.47
C ARG C 67 5.61 8.57 -1.53
N PRO C 68 5.15 8.99 -2.72
CA PRO C 68 6.16 9.37 -3.71
C PRO C 68 6.92 10.61 -3.29
N ASN C 69 8.21 10.58 -3.49
CA ASN C 69 9.02 11.76 -3.24
C ASN C 69 10.26 11.66 -4.09
N PRO C 70 11.18 12.65 -3.96
CA PRO C 70 12.37 12.56 -4.89
C PRO C 70 13.28 11.34 -4.76
N ARG C 71 13.45 10.78 -3.56
CA ARG C 71 14.19 9.51 -3.44
C ARG C 71 13.44 8.27 -3.96
N TYR C 72 12.09 8.27 -3.91
CA TYR C 72 11.22 7.15 -4.37
C TYR C 72 10.02 7.72 -5.18
N PRO C 73 10.32 8.17 -6.43
CA PRO C 73 9.29 8.92 -7.18
C PRO C 73 8.09 8.10 -7.61
N ASP C 74 8.19 6.77 -7.58
CA ASP C 74 7.06 5.86 -7.88
C ASP C 74 6.40 5.15 -6.70
N ALA C 75 6.72 5.51 -5.45
CA ALA C 75 6.13 4.82 -4.33
C ALA C 75 4.67 5.08 -4.24
N PRO C 76 3.90 4.06 -3.84
CA PRO C 76 2.51 4.31 -3.58
C PRO C 76 2.36 5.13 -2.33
N GLU C 77 1.22 5.80 -2.21
CA GLU C 77 0.94 6.63 -1.02
C GLU C 77 0.01 5.94 -0.06
N MET C 78 0.38 5.91 1.21
CA MET C 78 -0.47 5.39 2.28
C MET C 78 -0.62 6.46 3.36
N ASN C 79 -1.57 6.30 4.31
CA ASN C 79 -1.50 7.18 5.49
C ASN C 79 -0.33 6.68 6.38
N ALA C 80 0.48 7.58 6.86
CA ALA C 80 1.63 7.23 7.72
C ALA C 80 1.09 6.50 8.98
N VAL C 81 1.79 5.45 9.42
CA VAL C 81 1.41 4.67 10.61
C VAL C 81 2.63 4.66 11.58
N VAL C 82 2.41 5.10 12.83
CA VAL C 82 3.45 5.02 13.86
C VAL C 82 3.18 3.71 14.60
N MET C 83 4.21 2.85 14.75
CA MET C 83 4.05 1.58 15.40
C MET C 83 4.97 1.47 16.62
N VAL C 84 4.39 1.18 17.76
CA VAL C 84 5.12 0.96 19.00
C VAL C 84 5.20 -0.53 19.25
N ASN C 85 6.41 -1.02 19.58
CA ASN C 85 6.60 -2.44 19.81
C ASN C 85 6.00 -3.36 18.71
N PRO C 86 6.33 -3.10 17.46
CA PRO C 86 5.86 -3.92 16.41
C PRO C 86 6.43 -5.33 16.43
N GLU C 87 5.59 -6.31 16.15
CA GLU C 87 6.00 -7.72 16.04
C GLU C 87 5.41 -8.27 14.75
N ILE C 88 6.27 -8.83 13.90
CA ILE C 88 5.80 -9.44 12.71
C ILE C 88 5.40 -10.86 13.04
N LEU C 89 4.09 -11.16 12.95
CA LEU C 89 3.56 -12.43 13.30
C LEU C 89 3.50 -13.37 12.16
N GLU C 90 3.54 -12.87 10.92
CA GLU C 90 3.58 -13.80 9.78
C GLU C 90 4.27 -13.12 8.63
N PHE C 91 5.18 -13.87 8.02
CA PHE C 91 5.78 -13.46 6.74
C PHE C 91 5.31 -14.41 5.67
N SER C 92 4.94 -13.91 4.52
CA SER C 92 4.51 -14.81 3.40
C SER C 92 5.71 -15.61 2.85
N SER C 93 5.45 -16.79 2.30
CA SER C 93 6.59 -17.52 1.63
C SER C 93 6.94 -16.81 0.30
N GLU C 94 5.96 -16.21 -0.33
CA GLU C 94 6.13 -15.35 -1.53
C GLU C 94 6.97 -14.16 -1.22
N MET C 95 7.91 -13.92 -2.09
CA MET C 95 8.92 -12.87 -1.93
C MET C 95 8.82 -11.91 -3.10
N CYS C 96 9.23 -10.67 -2.89
CA CYS C 96 9.42 -9.69 -3.96
C CYS C 96 10.79 -9.10 -3.78
N LEU C 97 11.36 -8.67 -4.88
CA LEU C 97 12.66 -8.05 -4.85
C LEU C 97 12.49 -6.62 -5.28
N GLY C 98 13.17 -5.72 -4.60
CA GLY C 98 13.03 -4.30 -4.84
C GLY C 98 14.30 -3.61 -4.43
N GLU C 99 14.57 -2.46 -5.02
CA GLU C 99 15.73 -1.70 -4.65
C GLU C 99 15.35 -0.89 -3.41
N GLU C 100 16.18 -0.97 -2.40
CA GLU C 100 16.06 -0.22 -1.16
C GLU C 100 17.27 0.66 -0.95
N GLY C 101 17.00 1.82 -0.39
CA GLY C 101 17.99 2.69 0.19
C GLY C 101 17.71 2.75 1.68
N CYS C 102 18.43 3.62 2.34
CA CYS C 102 18.40 3.75 3.81
C CYS C 102 18.97 5.11 4.17
N LEU C 103 18.29 5.82 5.06
CA LEU C 103 18.76 7.09 5.60
C LEU C 103 20.11 6.95 6.27
N SER C 104 20.46 5.77 6.71
CA SER C 104 21.67 5.47 7.41
C SER C 104 22.77 4.96 6.48
N VAL C 105 22.50 4.73 5.20
CA VAL C 105 23.54 4.19 4.31
C VAL C 105 23.70 5.16 3.17
N PRO C 106 24.65 6.10 3.32
CA PRO C 106 24.59 7.20 2.38
C PRO C 106 24.98 6.69 0.99
N ASP C 107 24.26 7.15 -0.03
CA ASP C 107 24.71 6.98 -1.41
C ASP C 107 24.98 5.48 -1.76
N GLU C 108 24.06 4.60 -1.41
CA GLU C 108 24.11 3.20 -1.86
C GLU C 108 22.73 2.58 -1.76
N ARG C 109 22.30 1.94 -2.83
CA ARG C 109 21.03 1.23 -2.88
C ARG C 109 21.34 -0.17 -3.34
N GLY C 110 20.48 -1.10 -2.97
CA GLY C 110 20.74 -2.48 -3.28
C GLY C 110 19.43 -3.19 -3.42
N GLN C 111 19.51 -4.32 -4.06
CA GLN C 111 18.35 -5.16 -4.31
C GLN C 111 18.13 -6.14 -3.15
N VAL C 112 16.93 -6.12 -2.56
CA VAL C 112 16.72 -6.87 -1.38
C VAL C 112 15.47 -7.70 -1.56
N GLU C 113 15.60 -8.99 -1.26
CA GLU C 113 14.46 -9.88 -1.25
C GLU C 113 13.73 -9.77 0.10
N ARG C 114 12.43 -9.57 0.03
CA ARG C 114 11.57 -9.36 1.24
C ARG C 114 10.35 -10.19 1.03
N ALA C 115 9.67 -10.56 2.12
CA ALA C 115 8.34 -11.11 1.96
C ALA C 115 7.37 -10.13 1.32
N GLU C 116 6.53 -10.62 0.43
CA GLU C 116 5.57 -9.85 -0.26
C GLU C 116 4.43 -9.38 0.66
N MET C 117 4.14 -10.15 1.67
CA MET C 117 3.10 -9.77 2.68
C MET C 117 3.62 -10.05 4.10
N VAL C 118 3.37 -9.11 5.02
CA VAL C 118 3.59 -9.30 6.39
C VAL C 118 2.33 -8.95 7.23
N LYS C 119 2.12 -9.69 8.28
CA LYS C 119 1.06 -9.36 9.28
C LYS C 119 1.77 -8.85 10.48
N VAL C 120 1.48 -7.61 10.94
CA VAL C 120 2.21 -7.03 12.03
C VAL C 120 1.26 -6.64 13.17
N LYS C 121 1.64 -6.97 14.37
CA LYS C 121 0.80 -6.54 15.57
C LYS C 121 1.60 -5.43 16.25
N TYR C 122 0.98 -4.31 16.65
CA TYR C 122 1.77 -3.25 17.23
C TYR C 122 0.85 -2.45 18.14
N LEU C 123 1.45 -1.59 18.90
CA LEU C 123 0.65 -0.62 19.75
C LEU C 123 0.60 0.73 19.13
N THR C 124 -0.55 1.44 19.23
CA THR C 124 -0.53 2.80 18.89
C THR C 124 0.24 3.58 20.00
N LEU C 125 0.40 4.88 19.75
CA LEU C 125 1.05 5.74 20.75
C LEU C 125 0.26 5.80 22.03
N GLN C 126 -1.06 5.70 21.92
CA GLN C 126 -1.90 5.64 23.15
C GLN C 126 -1.77 4.34 23.89
N GLY C 127 -1.32 3.30 23.18
CA GLY C 127 -1.15 2.00 23.71
C GLY C 127 -2.18 0.94 23.28
N GLU C 128 -2.98 1.20 22.29
CA GLU C 128 -4.02 0.27 21.85
C GLU C 128 -3.38 -0.78 20.91
N MET C 129 -3.79 -2.02 21.04
CA MET C 129 -3.27 -3.09 20.09
C MET C 129 -3.97 -3.08 18.75
N VAL C 130 -3.20 -3.25 17.68
CA VAL C 130 -3.68 -3.22 16.32
C VAL C 130 -2.91 -4.31 15.57
N GLU C 131 -3.62 -4.98 14.70
CA GLU C 131 -2.92 -5.92 13.74
C GLU C 131 -3.26 -5.57 12.32
N THR C 132 -2.26 -5.39 11.45
CA THR C 132 -2.45 -4.91 10.13
C THR C 132 -1.65 -5.80 9.12
N VAL C 133 -2.25 -5.99 7.95
CA VAL C 133 -1.60 -6.74 6.84
C VAL C 133 -1.02 -5.76 5.91
N PHE C 134 0.27 -5.88 5.57
CA PHE C 134 0.89 -5.02 4.57
C PHE C 134 1.35 -5.83 3.39
N GLN C 135 1.23 -5.24 2.21
CA GLN C 135 1.68 -5.90 0.94
C GLN C 135 2.68 -5.03 0.22
N GLY C 136 3.55 -5.63 -0.59
CA GLY C 136 4.30 -4.86 -1.55
C GLY C 136 5.27 -3.90 -0.94
N PHE C 137 5.33 -2.66 -1.47
CA PHE C 137 6.39 -1.76 -1.02
C PHE C 137 6.19 -1.36 0.46
N PRO C 138 4.94 -1.10 0.93
CA PRO C 138 4.79 -0.91 2.37
C PRO C 138 5.30 -2.08 3.24
N ALA C 139 5.09 -3.31 2.76
CA ALA C 139 5.59 -4.51 3.48
C ALA C 139 7.11 -4.52 3.59
N ARG C 140 7.79 -4.09 2.51
CA ARG C 140 9.21 -3.99 2.50
C ARG C 140 9.68 -2.94 3.51
N ILE C 141 8.96 -1.83 3.60
CA ILE C 141 9.29 -0.79 4.59
C ILE C 141 9.19 -1.34 5.99
N VAL C 142 8.07 -1.97 6.32
CA VAL C 142 7.92 -2.55 7.66
C VAL C 142 9.09 -3.49 7.99
N GLN C 143 9.46 -4.32 7.02
CA GLN C 143 10.56 -5.28 7.26
C GLN C 143 11.91 -4.64 7.48
N HIS C 144 12.18 -3.58 6.74
CA HIS C 144 13.38 -2.78 6.86
C HIS C 144 13.46 -2.10 8.23
N GLU C 145 12.34 -1.52 8.67
CA GLU C 145 12.35 -0.81 9.93
C GLU C 145 12.45 -1.76 11.09
N VAL C 146 11.73 -2.87 11.01
CA VAL C 146 11.87 -3.92 12.03
C VAL C 146 13.34 -4.43 12.09
N ASP C 147 13.96 -4.64 10.93
CA ASP C 147 15.45 -4.94 10.92
C ASP C 147 16.25 -3.88 11.66
N HIS C 148 15.95 -2.56 11.52
CA HIS C 148 16.63 -1.55 12.28
C HIS C 148 16.51 -1.74 13.78
N LEU C 149 15.33 -2.17 14.27
CA LEU C 149 15.13 -2.43 15.69
C LEU C 149 15.87 -3.65 16.21
N ASN C 150 16.32 -4.48 15.27
CA ASN C 150 17.04 -5.74 15.59
C ASN C 150 18.55 -5.67 15.24
N GLY C 151 19.03 -4.51 14.89
CA GLY C 151 20.46 -4.24 14.66
C GLY C 151 20.91 -4.73 13.29
N ILE C 152 20.03 -4.71 12.32
CA ILE C 152 20.33 -5.24 10.95
C ILE C 152 20.15 -4.13 9.93
N LEU C 153 21.16 -3.93 9.03
CA LEU C 153 21.04 -3.00 7.91
C LEU C 153 20.80 -3.79 6.61
N PHE C 154 20.18 -3.11 5.64
CA PHE C 154 19.69 -3.80 4.40
C PHE C 154 20.87 -4.39 3.66
N VAL C 155 22.03 -3.75 3.79
CA VAL C 155 23.26 -4.32 3.17
C VAL C 155 23.56 -5.73 3.60
N GLU C 156 23.13 -6.12 4.80
CA GLU C 156 23.33 -7.49 5.33
C GLU C 156 22.35 -8.49 4.74
N ARG C 157 21.36 -8.02 4.00
CA ARG C 157 20.32 -8.86 3.46
C ARG C 157 20.56 -9.10 1.97
N ILE C 158 21.59 -8.51 1.36
CA ILE C 158 21.74 -8.57 -0.10
C ILE C 158 22.25 -9.93 -0.56
N SER C 159 21.68 -10.37 -1.69
CA SER C 159 22.02 -11.61 -2.44
C SER C 159 21.43 -12.86 -1.78
N VAL D 2 6.41 10.88 33.18
CA VAL D 2 6.96 9.48 32.86
C VAL D 2 8.16 9.14 33.68
N VAL D 3 8.34 7.87 33.99
CA VAL D 3 9.54 7.32 34.55
C VAL D 3 10.05 6.31 33.49
N LEU D 4 11.28 6.46 32.99
CA LEU D 4 11.81 5.64 31.96
C LEU D 4 12.53 4.41 32.48
N PRO D 5 12.52 3.29 31.76
CA PRO D 5 13.26 2.11 32.06
C PRO D 5 14.78 2.45 32.00
N VAL D 6 15.50 1.86 32.94
CA VAL D 6 16.96 2.07 33.09
C VAL D 6 17.69 0.84 32.58
N ALA D 7 18.67 1.00 31.68
CA ALA D 7 19.47 -0.02 31.18
C ALA D 7 20.46 -0.46 32.28
N LYS D 8 20.69 -1.77 32.35
CA LYS D 8 21.65 -2.38 33.30
C LYS D 8 22.88 -2.90 32.70
N ARG D 9 23.92 -2.96 33.55
CA ARG D 9 25.16 -3.50 33.15
C ARG D 9 24.98 -4.78 32.40
N GLY D 10 25.66 -4.91 31.26
CA GLY D 10 25.54 -6.06 30.39
C GLY D 10 24.85 -5.65 29.08
N GLU D 11 24.00 -4.63 29.13
CA GLU D 11 23.37 -4.07 27.92
C GLU D 11 24.37 -3.22 27.14
N ASP D 12 24.44 -3.47 25.83
CA ASP D 12 25.41 -2.80 25.00
C ASP D 12 25.17 -1.28 24.85
N ILE D 13 23.96 -0.82 25.07
CA ILE D 13 23.66 0.65 24.99
C ILE D 13 24.62 1.39 25.94
N LEU D 14 24.96 0.80 27.09
CA LEU D 14 25.80 1.52 28.05
C LEU D 14 27.24 1.57 27.65
N LYS D 15 27.63 0.82 26.62
CA LYS D 15 29.03 0.76 26.15
C LYS D 15 29.37 1.64 24.92
N LEU D 16 28.38 2.35 24.37
CA LEU D 16 28.58 3.22 23.24
C LEU D 16 29.12 4.55 23.60
N ILE D 17 29.62 5.25 22.62
CA ILE D 17 29.94 6.68 22.76
C ILE D 17 28.71 7.47 22.31
N ALA D 18 28.08 8.17 23.25
CA ALA D 18 26.81 8.86 22.99
C ALA D 18 27.02 10.00 22.00
N ALA D 19 26.05 10.25 21.17
CA ALA D 19 26.19 11.33 20.14
C ALA D 19 25.83 12.68 20.64
N PRO D 20 26.54 13.71 20.19
CA PRO D 20 26.20 15.03 20.63
C PRO D 20 24.86 15.47 20.22
N VAL D 21 24.26 16.31 21.03
CA VAL D 21 22.99 16.92 20.77
C VAL D 21 23.23 17.97 19.65
N SER D 22 22.32 18.03 18.69
CA SER D 22 22.45 18.93 17.52
C SER D 22 21.89 20.33 17.90
N ALA D 23 22.26 21.35 17.09
CA ALA D 23 21.72 22.68 17.20
C ALA D 23 20.17 22.76 17.11
N ASN D 24 19.61 21.92 16.25
CA ASN D 24 18.16 21.84 16.03
C ASN D 24 17.39 21.48 17.29
N GLU D 25 18.01 20.66 18.15
CA GLU D 25 17.36 20.19 19.39
C GLU D 25 17.42 21.18 20.53
N LEU D 26 18.36 22.11 20.49
CA LEU D 26 18.41 23.15 21.55
C LEU D 26 17.15 24.00 21.59
N ASN D 27 16.69 24.30 22.78
CA ASN D 27 15.43 25.07 22.98
C ASN D 27 14.15 24.45 22.31
N SER D 28 14.08 23.15 22.21
CA SER D 28 12.96 22.44 21.63
C SER D 28 12.12 21.71 22.68
N ASN D 29 10.86 21.41 22.37
CA ASN D 29 9.99 20.66 23.28
C ASN D 29 10.49 19.24 23.45
N TRP D 30 11.02 18.64 22.37
CA TRP D 30 11.66 17.42 22.39
C TRP D 30 12.73 17.39 23.51
N LEU D 31 13.65 18.33 23.46
CA LEU D 31 14.76 18.31 24.44
C LEU D 31 14.29 18.58 25.86
N TYR D 32 13.36 19.52 26.04
CA TYR D 32 12.78 19.75 27.40
C TYR D 32 12.11 18.52 27.93
N GLN D 33 11.34 17.80 27.10
CA GLN D 33 10.72 16.59 27.53
C GLN D 33 11.70 15.45 27.86
N LEU D 34 12.73 15.25 27.03
CA LEU D 34 13.81 14.31 27.37
C LEU D 34 14.38 14.65 28.73
N ALA D 35 14.69 15.93 28.95
CA ALA D 35 15.38 16.32 30.21
C ALA D 35 14.42 16.11 31.39
N ASP D 36 13.14 16.43 31.17
CA ASP D 36 12.12 16.15 32.19
C ASP D 36 11.92 14.68 32.51
N ALA D 37 11.87 13.81 31.53
CA ALA D 37 11.81 12.35 31.76
C ALA D 37 13.04 11.80 32.49
N MET D 38 14.22 12.27 32.09
CA MET D 38 15.40 11.89 32.77
C MET D 38 15.35 12.32 34.27
N HIS D 39 14.95 13.56 34.49
CA HIS D 39 14.93 14.14 35.85
C HIS D 39 13.95 13.31 36.73
N ALA D 40 12.78 13.04 36.16
CA ALA D 40 11.76 12.23 36.88
C ALA D 40 12.23 10.84 37.22
N THR D 41 12.94 10.22 36.29
CA THR D 41 13.45 8.94 36.43
C THR D 41 14.54 8.91 37.53
N MET D 42 15.43 9.91 37.50
CA MET D 42 16.45 10.04 38.50
C MET D 42 15.85 10.18 39.90
N LEU D 43 14.83 11.01 40.02
CA LEU D 43 14.14 11.22 41.34
C LEU D 43 13.47 9.99 41.86
N GLU D 44 12.73 9.32 40.99
CA GLU D 44 12.06 8.10 41.34
C GLU D 44 13.01 7.01 41.80
N ARG D 45 14.23 6.90 41.25
CA ARG D 45 15.16 5.89 41.66
C ARG D 45 16.18 6.39 42.71
N ASN D 46 15.98 7.57 43.30
CA ASN D 46 16.89 8.18 44.27
C ASN D 46 18.33 8.32 43.73
N GLY D 47 18.41 8.66 42.46
CA GLY D 47 19.72 8.97 41.90
C GLY D 47 20.15 10.38 42.29
N VAL D 48 21.48 10.62 42.32
CA VAL D 48 21.97 12.01 42.39
C VAL D 48 22.56 12.55 41.05
N GLY D 49 22.37 11.76 39.99
CA GLY D 49 22.74 12.15 38.65
C GLY D 49 22.12 11.13 37.69
N ILE D 50 22.14 11.42 36.39
CA ILE D 50 21.71 10.42 35.42
C ILE D 50 22.30 10.85 34.12
N ALA D 51 22.51 9.89 33.25
CA ALA D 51 22.97 10.18 31.86
C ALA D 51 21.99 9.56 30.85
N ALA D 52 21.79 10.22 29.73
CA ALA D 52 20.85 9.73 28.77
C ALA D 52 21.02 8.28 28.35
N PRO D 53 22.24 7.77 28.13
CA PRO D 53 22.38 6.35 27.74
C PRO D 53 21.73 5.38 28.70
N GLN D 54 21.67 5.74 29.99
CA GLN D 54 21.03 4.89 30.98
C GLN D 54 19.56 4.67 30.68
N VAL D 55 18.96 5.62 30.01
CA VAL D 55 17.52 5.50 29.65
C VAL D 55 17.32 5.18 28.14
N TYR D 56 18.33 4.54 27.55
CA TYR D 56 18.35 4.08 26.19
C TYR D 56 18.35 5.19 25.15
N ILE D 57 18.83 6.36 25.55
CA ILE D 57 18.93 7.52 24.69
C ILE D 57 20.45 7.81 24.50
N SER D 58 20.99 7.49 23.33
CA SER D 58 22.47 7.56 23.13
C SER D 58 22.84 9.00 22.71
N LYS D 59 22.59 9.93 23.60
CA LYS D 59 22.82 11.34 23.39
C LYS D 59 23.56 11.95 24.57
N ARG D 60 24.31 13.03 24.32
CA ARG D 60 25.18 13.59 25.35
C ARG D 60 24.46 14.59 26.21
N VAL D 61 23.60 14.10 27.14
CA VAL D 61 22.89 14.89 28.08
C VAL D 61 23.03 14.21 29.43
N ILE D 62 23.40 14.99 30.45
CA ILE D 62 23.47 14.51 31.82
C ILE D 62 22.73 15.44 32.78
N ILE D 63 22.40 14.92 33.98
CA ILE D 63 21.93 15.76 35.07
C ILE D 63 22.82 15.49 36.25
N VAL D 64 23.19 16.56 36.95
CA VAL D 64 23.99 16.50 38.17
C VAL D 64 23.10 17.16 39.25
N ALA D 65 22.79 16.39 40.26
CA ALA D 65 21.72 16.71 41.21
C ALA D 65 21.94 16.12 42.59
N SER D 66 23.12 16.43 43.15
CA SER D 66 23.34 16.10 44.54
C SER D 66 22.21 16.64 45.50
N ARG D 67 21.75 15.77 46.37
CA ARG D 67 20.64 16.01 47.36
C ARG D 67 20.71 14.90 48.39
N PRO D 68 20.49 15.20 49.70
CA PRO D 68 20.39 14.04 50.61
C PRO D 68 19.16 13.20 50.30
N ASN D 69 19.35 11.88 50.18
CA ASN D 69 18.23 10.97 49.94
C ASN D 69 18.59 9.56 50.50
N PRO D 70 17.63 8.60 50.52
CA PRO D 70 17.90 7.29 51.10
C PRO D 70 19.12 6.56 50.62
N ARG D 71 19.45 6.64 49.34
CA ARG D 71 20.68 6.05 48.79
C ARG D 71 21.98 6.81 49.10
N TYR D 72 21.93 8.15 49.25
CA TYR D 72 23.05 9.03 49.68
C TYR D 72 22.60 9.96 50.83
N PRO D 73 22.46 9.39 52.04
CA PRO D 73 21.94 10.18 53.17
C PRO D 73 22.75 11.46 53.54
N ASP D 74 24.06 11.53 53.22
CA ASP D 74 24.87 12.70 53.57
C ASP D 74 25.31 13.57 52.42
N ALA D 75 24.76 13.35 51.22
CA ALA D 75 25.14 14.16 50.09
C ALA D 75 24.79 15.64 50.29
N PRO D 76 25.67 16.57 49.85
CA PRO D 76 25.36 18.00 49.87
C PRO D 76 24.22 18.43 48.96
N GLU D 77 23.57 19.53 49.32
CA GLU D 77 22.50 20.09 48.52
C GLU D 77 23.09 20.95 47.43
N MET D 78 22.47 20.85 46.26
CA MET D 78 22.77 21.73 45.14
C MET D 78 21.49 21.86 44.31
N ASN D 79 21.38 22.91 43.54
CA ASN D 79 20.33 22.95 42.52
C ASN D 79 20.78 22.02 41.39
N ALA D 80 19.87 21.19 40.93
CA ALA D 80 20.10 20.28 39.81
C ALA D 80 20.50 21.06 38.57
N VAL D 81 21.49 20.57 37.83
CA VAL D 81 21.93 21.21 36.62
C VAL D 81 21.79 20.18 35.49
N VAL D 82 21.10 20.51 34.39
CA VAL D 82 21.14 19.75 33.16
C VAL D 82 22.19 20.25 32.20
N MET D 83 23.04 19.36 31.77
CA MET D 83 24.14 19.69 30.90
C MET D 83 24.00 19.02 29.58
N VAL D 84 24.00 19.80 28.50
CA VAL D 84 23.99 19.27 27.13
C VAL D 84 25.44 19.35 26.54
N ASN D 85 25.90 18.29 25.92
CA ASN D 85 27.24 18.20 25.32
C ASN D 85 28.35 18.61 26.33
N PRO D 86 28.35 18.02 27.53
CA PRO D 86 29.36 18.44 28.48
C PRO D 86 30.73 17.95 28.11
N GLU D 87 31.73 18.78 28.40
CA GLU D 87 33.15 18.38 28.14
C GLU D 87 34.01 18.78 29.35
N ILE D 88 34.79 17.89 29.91
CA ILE D 88 35.60 18.23 31.11
C ILE D 88 36.90 18.83 30.52
N LEU D 89 37.08 20.09 30.79
CA LEU D 89 38.21 20.84 30.26
C LEU D 89 39.46 20.60 31.10
N GLU D 90 39.28 20.48 32.41
CA GLU D 90 40.42 20.33 33.37
C GLU D 90 40.00 19.38 34.48
N PHE D 91 40.86 18.40 34.75
CA PHE D 91 40.83 17.55 35.96
C PHE D 91 42.00 17.95 36.89
N SER D 92 41.73 18.17 38.15
CA SER D 92 42.79 18.53 39.17
C SER D 92 43.71 17.35 39.25
N SER D 93 45.02 17.58 39.44
CA SER D 93 45.88 16.43 39.72
C SER D 93 45.59 15.82 41.10
N GLU D 94 45.05 16.60 42.00
CA GLU D 94 44.65 16.14 43.30
C GLU D 94 43.40 15.25 43.18
N MET D 95 43.51 14.05 43.73
CA MET D 95 42.46 13.01 43.67
C MET D 95 41.74 12.85 45.01
N CYS D 96 40.55 12.27 44.96
CA CYS D 96 39.81 11.91 46.17
C CYS D 96 39.15 10.51 45.94
N LEU D 97 38.90 9.76 46.99
CA LEU D 97 38.30 8.43 46.85
C LEU D 97 36.92 8.57 47.48
N GLY D 98 35.89 8.08 46.82
CA GLY D 98 34.54 8.14 47.35
C GLY D 98 33.72 6.95 46.90
N GLU D 99 32.65 6.67 47.64
CA GLU D 99 31.84 5.52 47.31
C GLU D 99 30.85 5.95 46.26
N GLU D 100 30.77 5.16 45.19
CA GLU D 100 29.78 5.39 44.15
C GLU D 100 28.88 4.17 43.98
N GLY D 101 27.65 4.41 43.63
CA GLY D 101 26.86 3.36 43.01
C GLY D 101 26.38 3.86 41.64
N CYS D 102 25.41 3.16 41.08
CA CYS D 102 24.99 3.44 39.72
C CYS D 102 23.61 2.88 39.55
N LEU D 103 22.72 3.69 39.01
CA LEU D 103 21.37 3.15 38.63
C LEU D 103 21.43 1.97 37.69
N SER D 104 22.51 1.84 36.93
CA SER D 104 22.70 0.76 35.96
C SER D 104 23.46 -0.47 36.51
N VAL D 105 23.89 -0.40 37.77
CA VAL D 105 24.65 -1.53 38.41
C VAL D 105 23.98 -1.65 39.77
N PRO D 106 22.72 -2.11 39.80
CA PRO D 106 21.83 -1.67 40.93
C PRO D 106 22.24 -2.14 42.36
N ASP D 107 22.79 -3.35 42.38
CA ASP D 107 23.24 -4.00 43.58
C ASP D 107 24.52 -3.35 44.20
N GLU D 108 25.53 -3.13 43.34
CA GLU D 108 26.91 -3.08 43.77
C GLU D 108 27.45 -1.67 43.77
N ARG D 109 28.23 -1.36 44.83
CA ARG D 109 28.82 -0.07 45.01
C ARG D 109 30.29 -0.28 45.16
N GLY D 110 31.03 0.79 45.08
CA GLY D 110 32.49 0.66 45.10
C GLY D 110 33.15 1.94 45.45
N GLN D 111 34.46 1.85 45.67
CA GLN D 111 35.25 2.98 46.06
C GLN D 111 36.08 3.36 44.88
N VAL D 112 35.87 4.57 44.37
CA VAL D 112 36.44 5.01 43.09
C VAL D 112 37.30 6.25 43.33
N GLU D 113 38.45 6.29 42.69
CA GLU D 113 39.28 7.51 42.68
C GLU D 113 38.90 8.48 41.55
N ARG D 114 38.63 9.71 41.96
CA ARG D 114 38.23 10.75 40.99
C ARG D 114 39.09 11.98 41.22
N ALA D 115 39.12 12.86 40.24
CA ALA D 115 39.68 14.16 40.47
C ALA D 115 38.82 14.92 41.48
N GLU D 116 39.50 15.66 42.39
CA GLU D 116 38.79 16.48 43.38
C GLU D 116 38.00 17.66 42.80
N MET D 117 38.53 18.20 41.74
CA MET D 117 37.96 19.33 41.04
C MET D 117 37.94 19.08 39.57
N VAL D 118 36.84 19.51 38.94
CA VAL D 118 36.76 19.56 37.50
C VAL D 118 36.19 20.88 37.04
N LYS D 119 36.66 21.33 35.90
CA LYS D 119 36.11 22.46 35.16
C LYS D 119 35.44 21.88 33.89
N VAL D 120 34.17 22.22 33.75
CA VAL D 120 33.32 21.60 32.71
C VAL D 120 32.65 22.67 31.89
N LYS D 121 32.64 22.47 30.59
CA LYS D 121 31.95 23.33 29.65
C LYS D 121 30.69 22.55 29.21
N TYR D 122 29.58 23.22 29.05
CA TYR D 122 28.38 22.52 28.55
C TYR D 122 27.41 23.55 28.02
N LEU D 123 26.40 23.09 27.29
CA LEU D 123 25.28 23.96 26.88
C LEU D 123 24.09 23.79 27.80
N THR D 124 23.33 24.86 28.04
CA THR D 124 22.09 24.72 28.74
C THR D 124 21.03 24.18 27.77
N LEU D 125 19.88 23.79 28.32
CA LEU D 125 18.76 23.33 27.47
C LEU D 125 18.29 24.38 26.47
N GLN D 126 18.52 25.65 26.81
CA GLN D 126 18.22 26.81 25.95
C GLN D 126 19.30 27.06 24.95
N GLY D 127 20.47 26.46 25.09
CA GLY D 127 21.56 26.64 24.15
C GLY D 127 22.69 27.56 24.57
N GLU D 128 22.66 28.03 25.80
CA GLU D 128 23.69 28.98 26.28
C GLU D 128 24.93 28.25 26.75
N MET D 129 26.10 28.68 26.31
CA MET D 129 27.37 28.02 26.63
C MET D 129 27.84 28.43 28.03
N VAL D 130 28.24 27.47 28.85
CA VAL D 130 28.50 27.65 30.27
C VAL D 130 29.87 27.03 30.47
N GLU D 131 30.64 27.63 31.37
CA GLU D 131 31.84 27.04 31.88
C GLU D 131 31.81 27.14 33.39
N THR D 132 32.04 26.04 34.08
CA THR D 132 31.91 26.09 35.54
C THR D 132 32.73 25.07 36.24
N VAL D 133 33.06 25.33 37.49
CA VAL D 133 33.92 24.44 38.29
C VAL D 133 33.08 23.70 39.36
N PHE D 134 33.41 22.41 39.54
CA PHE D 134 32.85 21.59 40.61
C PHE D 134 33.99 20.97 41.40
N GLN D 135 33.70 20.78 42.67
CA GLN D 135 34.57 20.11 43.66
C GLN D 135 33.85 18.95 44.34
N GLY D 136 34.59 18.03 44.91
CA GLY D 136 34.08 17.08 45.86
C GLY D 136 33.02 16.20 45.22
N PHE D 137 31.92 16.01 45.96
CA PHE D 137 30.91 15.01 45.54
C PHE D 137 30.26 15.43 44.21
N PRO D 138 29.85 16.70 44.05
CA PRO D 138 29.36 17.04 42.72
C PRO D 138 30.36 16.80 41.61
N ALA D 139 31.65 17.06 41.85
CA ALA D 139 32.61 16.72 40.83
C ALA D 139 32.66 15.25 40.45
N ARG D 140 32.59 14.40 41.47
CA ARG D 140 32.51 12.98 41.21
C ARG D 140 31.30 12.57 40.35
N ILE D 141 30.18 13.21 40.60
CA ILE D 141 28.95 12.90 39.81
C ILE D 141 29.18 13.31 38.34
N VAL D 142 29.71 14.50 38.11
CA VAL D 142 30.08 14.93 36.75
C VAL D 142 30.97 13.91 36.10
N GLN D 143 31.98 13.43 36.80
CA GLN D 143 32.92 12.52 36.15
C GLN D 143 32.25 11.17 35.80
N HIS D 144 31.39 10.70 36.72
CA HIS D 144 30.65 9.44 36.53
C HIS D 144 29.68 9.57 35.33
N GLU D 145 28.96 10.71 35.26
CA GLU D 145 27.96 10.86 34.19
C GLU D 145 28.67 11.04 32.83
N VAL D 146 29.78 11.82 32.77
CA VAL D 146 30.51 11.89 31.52
C VAL D 146 31.03 10.57 31.13
N ASP D 147 31.56 9.77 32.09
CA ASP D 147 31.96 8.42 31.80
C ASP D 147 30.85 7.59 31.11
N HIS D 148 29.59 7.75 31.57
CA HIS D 148 28.46 7.05 30.92
C HIS D 148 28.32 7.44 29.46
N LEU D 149 28.59 8.69 29.11
CA LEU D 149 28.56 9.18 27.73
C LEU D 149 29.67 8.62 26.88
N ASN D 150 30.73 8.13 27.52
CA ASN D 150 31.85 7.50 26.84
C ASN D 150 31.89 6.02 27.00
N GLY D 151 30.78 5.37 27.38
CA GLY D 151 30.71 3.93 27.45
C GLY D 151 31.47 3.28 28.59
N ILE D 152 31.66 4.02 29.67
CA ILE D 152 32.45 3.59 30.84
C ILE D 152 31.51 3.52 32.08
N LEU D 153 31.52 2.34 32.73
CA LEU D 153 30.90 2.16 34.04
C LEU D 153 31.90 2.28 35.18
N PHE D 154 31.46 2.66 36.39
CA PHE D 154 32.41 2.94 37.48
C PHE D 154 33.20 1.69 37.88
N VAL D 155 32.63 0.52 37.68
CA VAL D 155 33.40 -0.72 37.91
C VAL D 155 34.70 -0.87 37.09
N GLU D 156 34.76 -0.25 35.91
CA GLU D 156 35.96 -0.31 35.12
C GLU D 156 37.04 0.66 35.62
N ARG D 157 36.69 1.58 36.52
CA ARG D 157 37.63 2.49 37.11
C ARG D 157 38.15 1.90 38.41
N ILE D 158 37.77 0.66 38.76
CA ILE D 158 38.19 0.08 40.06
C ILE D 158 39.38 -0.88 39.86
N SER D 159 40.46 -0.59 40.62
CA SER D 159 41.82 -1.18 40.50
C SER D 159 42.46 -1.00 39.10
#